data_8XES
#
_entry.id   8XES
#
_cell.length_a   167.116
_cell.length_b   66.534
_cell.length_c   49.327
_cell.angle_alpha   90.000
_cell.angle_beta   90.229
_cell.angle_gamma   90.000
#
_symmetry.space_group_name_H-M   'C 1 2 1'
#
loop_
_entity.id
_entity.type
_entity.pdbx_description
1 polymer 'HLA class I heavy chain'
2 polymer Beta-2-microglobulin
3 polymer 'Major capsid protein L1'
4 water water
#
loop_
_entity_poly.entity_id
_entity_poly.type
_entity_poly.pdbx_seq_one_letter_code
_entity_poly.pdbx_strand_id
1 'polypeptide(L)'
;GSHSMRYFYTSVSRPGRGEPRFIAVGYVDDTQFVRFDSDAASQRMEPRAPWIEQEGPEYWDRNTRNVKAHSQTDRANLGT
LRGYYNQSEDGSHTIQRMYGCDVGPDGRFLRGYQQDAYDGKDYIALNEDLRSWTAADMAAQITQRKWETAHEAEQWRAYL
EGRCVEWLRRYLENGKETLQRTDAPKTHMTHHAVSDHEATLRCWALSFYPAEITLTWQRDGEDQTQDTELVETRPAGDGT
FQKWASVVVPSGQEQRYTCHVQHEGLPKPLTLRW
;
A
2 'polypeptide(L)'
;IQRTPKIQVYSRHPAENGKSNFLNCYVSGFHPSDIEVDLLKNGERIEKVEHSDLSFSKDWSFYLLYYTEFTPTEKDEYAC
RVNHVTLSQPKIVKWDRDM
;
B
3 'polypeptide(L)' DVMTYIHSM C
#
# COMPACT_ATOMS: atom_id res chain seq x y z
N GLY A 1 5.22 -15.97 11.48
CA GLY A 1 3.94 -16.64 11.65
C GLY A 1 3.34 -17.06 10.33
N SER A 2 2.19 -16.48 9.98
CA SER A 2 1.61 -16.67 8.67
C SER A 2 2.25 -15.71 7.66
N HIS A 3 2.10 -16.04 6.38
CA HIS A 3 2.58 -15.19 5.31
C HIS A 3 1.53 -15.11 4.21
N SER A 4 1.71 -14.17 3.30
CA SER A 4 0.76 -13.97 2.23
C SER A 4 1.49 -13.60 0.95
N MET A 5 0.87 -13.93 -0.18
CA MET A 5 1.29 -13.42 -1.48
C MET A 5 0.09 -12.75 -2.10
N ARG A 6 0.29 -11.53 -2.62
CA ARG A 6 -0.83 -10.78 -3.16
C ARG A 6 -0.42 -10.08 -4.43
N TYR A 7 -1.30 -10.11 -5.41
CA TYR A 7 -1.17 -9.31 -6.61
C TYR A 7 -2.23 -8.23 -6.62
N PHE A 8 -1.84 -7.03 -7.05
CA PHE A 8 -2.73 -5.88 -7.10
C PHE A 8 -2.68 -5.33 -8.52
N TYR A 9 -3.83 -5.34 -9.19
CA TYR A 9 -3.95 -4.84 -10.56
C TYR A 9 -4.84 -3.60 -10.58
N THR A 10 -4.38 -2.54 -11.26
CA THR A 10 -5.18 -1.35 -11.49
C THR A 10 -5.26 -1.05 -12.99
N SER A 11 -6.47 -0.96 -13.52
CA SER A 11 -6.69 -0.54 -14.89
C SER A 11 -7.55 0.72 -14.94
N VAL A 12 -7.09 1.72 -15.69
CA VAL A 12 -7.74 3.03 -15.73
C VAL A 12 -7.95 3.42 -17.18
N SER A 13 -9.20 3.69 -17.56
CA SER A 13 -9.48 4.16 -18.91
C SER A 13 -9.10 5.63 -19.05
N ARG A 14 -8.51 5.97 -20.19
CA ARG A 14 -8.02 7.32 -20.48
C ARG A 14 -8.73 7.80 -21.74
N PRO A 15 -9.98 8.24 -21.63
CA PRO A 15 -10.70 8.67 -22.83
C PRO A 15 -10.20 10.02 -23.34
N GLY A 16 -10.14 10.13 -24.67
CA GLY A 16 -9.45 11.21 -25.34
C GLY A 16 -8.01 10.82 -25.59
N ARG A 17 -7.41 10.27 -24.53
CA ARG A 17 -6.05 9.76 -24.58
C ARG A 17 -6.04 8.30 -25.08
N GLY A 18 -4.91 7.64 -24.94
CA GLY A 18 -4.69 6.35 -25.56
C GLY A 18 -5.41 5.19 -24.87
N GLU A 19 -4.81 4.01 -25.01
CA GLU A 19 -5.28 2.80 -24.35
C GLU A 19 -5.37 3.03 -22.84
N PRO A 20 -6.20 2.24 -22.14
CA PRO A 20 -6.17 2.28 -20.68
C PRO A 20 -4.79 1.85 -20.19
N ARG A 21 -4.42 2.38 -19.03
CA ARG A 21 -3.18 1.97 -18.39
C ARG A 21 -3.46 0.83 -17.41
N PHE A 22 -2.59 -0.16 -17.41
CA PHE A 22 -2.65 -1.30 -16.51
C PHE A 22 -1.36 -1.34 -15.72
N ILE A 23 -1.48 -1.39 -14.39
CA ILE A 23 -0.32 -1.53 -13.50
C ILE A 23 -0.58 -2.73 -12.60
N ALA A 24 0.39 -3.65 -12.55
CA ALA A 24 0.33 -4.80 -11.65
C ALA A 24 1.52 -4.75 -10.68
N VAL A 25 1.26 -5.10 -9.42
CA VAL A 25 2.34 -5.27 -8.46
C VAL A 25 2.11 -6.53 -7.64
N GLY A 26 3.21 -7.17 -7.28
CA GLY A 26 3.16 -8.38 -6.48
C GLY A 26 3.88 -8.14 -5.17
N TYR A 27 3.28 -8.62 -4.09
CA TYR A 27 3.87 -8.55 -2.76
C TYR A 27 3.95 -9.93 -2.15
N VAL A 28 4.99 -10.16 -1.36
CA VAL A 28 4.96 -11.17 -0.32
C VAL A 28 4.95 -10.41 1.00
N ASP A 29 3.91 -10.61 1.80
CA ASP A 29 3.69 -9.85 3.04
C ASP A 29 3.74 -8.36 2.67
N ASP A 30 4.54 -7.54 3.36
CA ASP A 30 4.64 -6.12 3.07
C ASP A 30 5.82 -5.78 2.18
N THR A 31 6.36 -6.75 1.44
CA THR A 31 7.51 -6.53 0.58
C THR A 31 7.10 -6.73 -0.87
N GLN A 32 7.23 -5.68 -1.69
CA GLN A 32 6.94 -5.81 -3.11
C GLN A 32 8.08 -6.56 -3.81
N PHE A 33 7.75 -7.41 -4.79
CA PHE A 33 8.79 -8.13 -5.51
C PHE A 33 8.72 -8.09 -7.04
N VAL A 34 7.60 -7.68 -7.65
CA VAL A 34 7.51 -7.56 -9.11
C VAL A 34 6.57 -6.42 -9.47
N ARG A 35 6.69 -5.96 -10.71
CA ARG A 35 5.78 -4.98 -11.28
C ARG A 35 5.64 -5.21 -12.78
N PHE A 36 4.47 -4.86 -13.31
CA PHE A 36 4.25 -4.71 -14.75
C PHE A 36 3.46 -3.43 -14.99
N ASP A 37 3.90 -2.64 -15.97
CA ASP A 37 3.27 -1.37 -16.34
C ASP A 37 3.11 -1.35 -17.85
N SER A 38 1.86 -1.25 -18.31
CA SER A 38 1.58 -1.32 -19.74
C SER A 38 2.10 -0.11 -20.50
N ASP A 39 2.53 0.94 -19.79
CA ASP A 39 3.11 2.13 -20.39
C ASP A 39 4.63 2.11 -20.40
N ALA A 40 5.26 1.32 -19.54
CA ALA A 40 6.72 1.26 -19.52
C ALA A 40 7.25 0.70 -20.83
N ALA A 41 8.55 0.86 -21.05
CA ALA A 41 9.13 0.48 -22.33
C ALA A 41 9.39 -1.02 -22.42
N SER A 42 9.77 -1.67 -21.32
CA SER A 42 10.20 -3.06 -21.39
C SER A 42 9.07 -3.98 -21.85
N GLN A 43 7.82 -3.68 -21.47
CA GLN A 43 6.68 -4.57 -21.68
C GLN A 43 6.93 -5.95 -21.10
N ARG A 44 7.68 -6.00 -20.00
CA ARG A 44 7.97 -7.24 -19.28
C ARG A 44 7.65 -7.06 -17.80
N MET A 45 7.29 -8.17 -17.16
CA MET A 45 7.31 -8.22 -15.70
C MET A 45 8.73 -7.96 -15.20
N GLU A 46 8.86 -7.04 -14.24
CA GLU A 46 10.18 -6.63 -13.80
C GLU A 46 10.42 -6.97 -12.35
N PRO A 47 11.66 -7.25 -11.97
CA PRO A 47 11.95 -7.53 -10.56
C PRO A 47 11.97 -6.24 -9.75
N ARG A 48 11.53 -6.37 -8.50
CA ARG A 48 11.52 -5.24 -7.57
C ARG A 48 12.00 -5.64 -6.19
N ALA A 49 12.65 -6.80 -6.06
CA ALA A 49 13.17 -7.36 -4.83
C ALA A 49 14.43 -8.11 -5.20
N PRO A 50 15.47 -8.07 -4.37
CA PRO A 50 16.70 -8.83 -4.69
C PRO A 50 16.46 -10.33 -4.84
N TRP A 51 15.60 -10.93 -4.02
CA TRP A 51 15.47 -12.37 -4.01
C TRP A 51 14.66 -12.94 -5.17
N ILE A 52 14.01 -12.09 -5.98
CA ILE A 52 13.32 -12.59 -7.18
C ILE A 52 14.22 -12.58 -8.40
N GLU A 53 15.40 -11.96 -8.30
CA GLU A 53 16.29 -11.86 -9.44
C GLU A 53 16.90 -13.19 -9.84
N GLN A 54 16.90 -14.20 -8.96
CA GLN A 54 17.50 -15.48 -9.28
C GLN A 54 16.57 -16.40 -10.07
N GLU A 55 15.35 -15.95 -10.37
CA GLU A 55 14.45 -16.75 -11.19
C GLU A 55 14.86 -16.72 -12.66
N GLY A 56 14.73 -17.86 -13.34
CA GLY A 56 15.28 -18.02 -14.66
C GLY A 56 14.49 -17.25 -15.71
N PRO A 57 15.00 -17.27 -16.96
CA PRO A 57 14.29 -16.57 -18.05
C PRO A 57 12.91 -17.13 -18.33
N GLU A 58 12.67 -18.42 -18.06
CA GLU A 58 11.33 -18.98 -18.24
C GLU A 58 10.34 -18.39 -17.24
N TYR A 59 10.77 -18.16 -16.00
CA TYR A 59 9.93 -17.46 -15.03
C TYR A 59 9.44 -16.14 -15.58
N TRP A 60 10.38 -15.32 -16.07
CA TRP A 60 9.99 -14.02 -16.57
C TRP A 60 9.20 -14.12 -17.86
N ASP A 61 9.47 -15.14 -18.70
CA ASP A 61 8.66 -15.29 -19.90
C ASP A 61 7.22 -15.63 -19.55
N ARG A 62 7.02 -16.54 -18.59
CA ARG A 62 5.68 -16.98 -18.23
C ARG A 62 4.92 -15.87 -17.53
N ASN A 63 5.56 -15.21 -16.58
CA ASN A 63 4.87 -14.18 -15.83
C ASN A 63 4.53 -12.97 -16.70
N THR A 64 5.39 -12.65 -17.66
CA THR A 64 5.07 -11.61 -18.63
C THR A 64 3.89 -12.02 -19.52
N ARG A 65 3.96 -13.22 -20.13
CA ARG A 65 2.86 -13.69 -20.95
C ARG A 65 1.52 -13.61 -20.21
N ASN A 66 1.48 -14.11 -18.97
CA ASN A 66 0.21 -14.20 -18.27
C ASN A 66 -0.28 -12.84 -17.82
N VAL A 67 0.61 -12.00 -17.30
CA VAL A 67 0.17 -10.68 -16.83
C VAL A 67 -0.18 -9.80 -18.02
N LYS A 68 0.48 -10.00 -19.16
CA LYS A 68 0.06 -9.26 -20.34
C LYS A 68 -1.34 -9.68 -20.79
N ALA A 69 -1.64 -10.98 -20.71
CA ALA A 69 -3.01 -11.44 -20.96
C ALA A 69 -3.99 -10.79 -19.99
N HIS A 70 -3.63 -10.70 -18.71
CA HIS A 70 -4.50 -10.07 -17.74
C HIS A 70 -4.77 -8.62 -18.11
N SER A 71 -3.74 -7.92 -18.61
CA SER A 71 -3.91 -6.51 -18.94
C SER A 71 -4.87 -6.36 -20.10
N GLN A 72 -4.82 -7.26 -21.08
CA GLN A 72 -5.78 -7.18 -22.16
C GLN A 72 -7.19 -7.52 -21.67
N THR A 73 -7.29 -8.48 -20.76
CA THR A 73 -8.59 -8.83 -20.19
C THR A 73 -9.19 -7.65 -19.43
N ASP A 74 -8.38 -6.95 -18.65
CA ASP A 74 -8.90 -5.83 -17.87
C ASP A 74 -9.22 -4.61 -18.76
N ARG A 75 -8.50 -4.44 -19.89
CA ARG A 75 -8.91 -3.40 -20.84
C ARG A 75 -10.26 -3.73 -21.47
N ALA A 76 -10.46 -4.99 -21.86
CA ALA A 76 -11.77 -5.43 -22.34
C ALA A 76 -12.83 -5.20 -21.27
N ASN A 77 -12.48 -5.41 -20.00
CA ASN A 77 -13.46 -5.31 -18.92
C ASN A 77 -13.94 -3.86 -18.72
N LEU A 78 -13.08 -2.87 -18.98
CA LEU A 78 -13.48 -1.49 -18.78
C LEU A 78 -14.61 -1.11 -19.72
N GLY A 79 -14.49 -1.48 -21.00
CA GLY A 79 -15.56 -1.23 -21.95
C GLY A 79 -16.80 -2.06 -21.66
N THR A 80 -16.61 -3.32 -21.24
CA THR A 80 -17.76 -4.16 -20.89
C THR A 80 -18.54 -3.56 -19.72
N LEU A 81 -17.83 -3.12 -18.68
CA LEU A 81 -18.54 -2.62 -17.51
C LEU A 81 -19.14 -1.24 -17.77
N ARG A 82 -18.49 -0.43 -18.62
CA ARG A 82 -19.12 0.81 -19.10
C ARG A 82 -20.45 0.50 -19.76
N GLY A 83 -20.50 -0.56 -20.57
CA GLY A 83 -21.78 -0.97 -21.15
C GLY A 83 -22.78 -1.43 -20.10
N TYR A 84 -22.34 -2.30 -19.19
CA TYR A 84 -23.23 -2.79 -18.12
C TYR A 84 -23.90 -1.65 -17.38
N TYR A 85 -23.16 -0.59 -17.10
CA TYR A 85 -23.68 0.52 -16.30
C TYR A 85 -24.25 1.65 -17.14
N ASN A 86 -24.26 1.48 -18.47
CA ASN A 86 -24.71 2.51 -19.41
C ASN A 86 -24.06 3.86 -19.09
N GLN A 87 -22.74 3.88 -19.18
CA GLN A 87 -21.95 5.08 -18.97
C GLN A 87 -21.37 5.54 -20.31
N SER A 88 -21.09 6.84 -20.40
CA SER A 88 -20.60 7.41 -21.65
C SER A 88 -19.13 7.09 -21.84
N GLU A 89 -18.70 7.12 -23.11
CA GLU A 89 -17.30 6.93 -23.48
C GLU A 89 -16.38 8.06 -23.00
N ASP A 90 -16.93 9.10 -22.36
CA ASP A 90 -16.17 10.30 -22.02
C ASP A 90 -15.48 10.23 -20.67
N GLY A 91 -16.03 9.47 -19.72
CA GLY A 91 -15.47 9.45 -18.38
C GLY A 91 -14.37 8.42 -18.20
N SER A 92 -13.49 8.71 -17.24
CA SER A 92 -12.45 7.77 -16.84
C SER A 92 -12.96 6.88 -15.71
N HIS A 93 -12.66 5.58 -15.81
CA HIS A 93 -13.13 4.59 -14.85
C HIS A 93 -11.99 3.65 -14.50
N THR A 94 -12.12 2.96 -13.37
CA THR A 94 -11.04 2.15 -12.81
C THR A 94 -11.55 0.75 -12.50
N ILE A 95 -10.78 -0.27 -12.91
CA ILE A 95 -10.98 -1.63 -12.45
C ILE A 95 -9.77 -2.02 -11.61
N GLN A 96 -10.03 -2.48 -10.40
CA GLN A 96 -8.99 -3.02 -9.54
C GLN A 96 -9.27 -4.49 -9.27
N ARG A 97 -8.20 -5.26 -9.16
CA ARG A 97 -8.27 -6.66 -8.76
C ARG A 97 -7.18 -6.94 -7.75
N MET A 98 -7.54 -7.66 -6.71
CA MET A 98 -6.60 -8.18 -5.72
C MET A 98 -6.80 -9.68 -5.68
N TYR A 99 -5.70 -10.44 -5.68
CA TYR A 99 -5.84 -11.87 -5.45
C TYR A 99 -4.59 -12.41 -4.77
N GLY A 100 -4.72 -13.56 -4.13
CA GLY A 100 -3.57 -14.20 -3.52
C GLY A 100 -3.97 -15.26 -2.52
N CYS A 101 -2.98 -15.66 -1.72
CA CYS A 101 -3.12 -16.79 -0.83
C CYS A 101 -2.33 -16.53 0.45
N ASP A 102 -2.84 -17.08 1.56
CA ASP A 102 -2.15 -17.11 2.83
C ASP A 102 -1.72 -18.53 3.17
N VAL A 103 -0.55 -18.67 3.79
CA VAL A 103 -0.12 -19.93 4.37
C VAL A 103 0.09 -19.71 5.87
N GLY A 104 -0.12 -20.78 6.65
CA GLY A 104 0.11 -20.73 8.07
C GLY A 104 1.59 -20.83 8.42
N PRO A 105 1.90 -20.92 9.71
CA PRO A 105 3.31 -21.12 10.10
C PRO A 105 3.89 -22.41 9.58
N ASP A 106 3.07 -23.46 9.42
CA ASP A 106 3.55 -24.71 8.84
C ASP A 106 3.78 -24.62 7.35
N GLY A 107 3.41 -23.51 6.72
CA GLY A 107 3.50 -23.39 5.27
C GLY A 107 2.34 -23.99 4.52
N ARG A 108 1.32 -24.49 5.21
CA ARG A 108 0.16 -25.10 4.55
C ARG A 108 -0.86 -24.03 4.18
N PHE A 109 -1.64 -24.31 3.14
CA PHE A 109 -2.61 -23.36 2.63
C PHE A 109 -3.64 -22.99 3.69
N LEU A 110 -3.81 -21.69 3.90
CA LEU A 110 -4.81 -21.18 4.84
C LEU A 110 -6.06 -20.70 4.12
N ARG A 111 -5.92 -19.78 3.18
CA ARG A 111 -7.06 -19.28 2.42
C ARG A 111 -6.56 -18.67 1.12
N GLY A 112 -7.49 -18.53 0.18
CA GLY A 112 -7.21 -17.81 -1.05
C GLY A 112 -8.28 -16.78 -1.28
N TYR A 113 -8.00 -15.84 -2.17
CA TYR A 113 -8.99 -14.81 -2.38
C TYR A 113 -8.81 -14.17 -3.75
N GLN A 114 -9.91 -13.65 -4.27
CA GLN A 114 -9.91 -12.87 -5.49
C GLN A 114 -11.10 -11.93 -5.42
N GLN A 115 -10.84 -10.63 -5.46
CA GLN A 115 -11.95 -9.67 -5.45
C GLN A 115 -11.64 -8.53 -6.40
N ASP A 116 -12.70 -8.05 -7.05
CA ASP A 116 -12.65 -7.05 -8.09
C ASP A 116 -13.45 -5.85 -7.63
N ALA A 117 -13.00 -4.67 -8.05
CA ALA A 117 -13.71 -3.42 -7.76
C ALA A 117 -13.83 -2.61 -9.04
N TYR A 118 -14.89 -1.80 -9.11
CA TYR A 118 -15.10 -0.88 -10.21
C TYR A 118 -15.32 0.50 -9.62
N ASP A 119 -14.50 1.46 -10.06
CA ASP A 119 -14.50 2.81 -9.49
C ASP A 119 -14.39 2.81 -7.97
N GLY A 120 -13.53 1.95 -7.44
CA GLY A 120 -13.26 1.94 -6.02
C GLY A 120 -14.33 1.31 -5.16
N LYS A 121 -15.36 0.71 -5.76
CA LYS A 121 -16.42 0.03 -5.02
C LYS A 121 -16.40 -1.46 -5.38
N ASP A 122 -16.70 -2.30 -4.40
CA ASP A 122 -16.78 -3.74 -4.64
C ASP A 122 -17.65 -4.05 -5.85
N TYR A 123 -17.17 -4.95 -6.71
CA TYR A 123 -17.91 -5.40 -7.88
C TYR A 123 -18.27 -6.88 -7.77
N ILE A 124 -17.29 -7.77 -7.65
CA ILE A 124 -17.55 -9.19 -7.48
C ILE A 124 -16.37 -9.78 -6.73
N ALA A 125 -16.64 -10.81 -5.92
CA ALA A 125 -15.60 -11.45 -5.13
C ALA A 125 -15.77 -12.96 -5.20
N LEU A 126 -14.64 -13.66 -5.27
CA LEU A 126 -14.65 -15.10 -5.05
C LEU A 126 -14.92 -15.38 -3.58
N ASN A 127 -15.88 -16.25 -3.31
CA ASN A 127 -16.20 -16.60 -1.94
C ASN A 127 -15.09 -17.43 -1.31
N GLU A 128 -15.13 -17.49 0.01
CA GLU A 128 -14.08 -18.15 0.78
C GLU A 128 -13.90 -19.61 0.38
N ASP A 129 -14.99 -20.30 0.03
CA ASP A 129 -14.86 -21.69 -0.39
C ASP A 129 -14.13 -21.85 -1.72
N LEU A 130 -13.84 -20.75 -2.43
CA LEU A 130 -13.24 -20.76 -3.76
C LEU A 130 -14.07 -21.57 -4.77
N ARG A 131 -15.37 -21.74 -4.50
CA ARG A 131 -16.28 -22.46 -5.38
C ARG A 131 -17.47 -21.63 -5.85
N SER A 132 -17.68 -20.43 -5.32
CA SER A 132 -18.86 -19.63 -5.63
C SER A 132 -18.51 -18.14 -5.54
N TRP A 133 -19.42 -17.30 -6.05
CA TRP A 133 -19.19 -15.86 -6.18
C TRP A 133 -20.22 -15.06 -5.40
N THR A 134 -19.80 -13.89 -4.94
CA THR A 134 -20.69 -12.90 -4.35
C THR A 134 -20.61 -11.66 -5.22
N ALA A 135 -21.73 -11.30 -5.87
CA ALA A 135 -21.82 -10.15 -6.75
C ALA A 135 -22.41 -8.97 -5.99
N ALA A 136 -21.92 -7.78 -6.29
CA ALA A 136 -22.38 -6.60 -5.57
C ALA A 136 -23.66 -5.98 -6.13
N ASP A 137 -23.92 -6.10 -7.43
CA ASP A 137 -25.08 -5.44 -8.02
C ASP A 137 -25.52 -6.20 -9.26
N MET A 138 -26.44 -5.60 -10.02
CA MET A 138 -27.02 -6.26 -11.19
C MET A 138 -25.99 -6.46 -12.29
N ALA A 139 -25.14 -5.46 -12.51
CA ALA A 139 -24.08 -5.61 -13.50
C ALA A 139 -23.16 -6.76 -13.14
N ALA A 140 -22.81 -6.88 -11.86
CA ALA A 140 -21.92 -7.95 -11.44
C ALA A 140 -22.58 -9.32 -11.57
N GLN A 141 -23.93 -9.36 -11.48
CA GLN A 141 -24.60 -10.65 -11.63
C GLN A 141 -24.50 -11.17 -13.05
N ILE A 142 -24.41 -10.27 -14.04
CA ILE A 142 -24.11 -10.72 -15.39
C ILE A 142 -22.76 -11.41 -15.42
N THR A 143 -21.76 -10.80 -14.78
CA THR A 143 -20.42 -11.39 -14.72
C THR A 143 -20.45 -12.73 -13.99
N GLN A 144 -21.21 -12.82 -12.89
CA GLN A 144 -21.27 -14.05 -12.11
C GLN A 144 -21.82 -15.20 -12.94
N ARG A 145 -22.92 -14.96 -13.67
CA ARG A 145 -23.47 -16.03 -14.52
C ARG A 145 -22.51 -16.42 -15.63
N LYS A 146 -21.78 -15.45 -16.17
CA LYS A 146 -20.76 -15.74 -17.17
C LYS A 146 -19.67 -16.65 -16.59
N TRP A 147 -19.19 -16.33 -15.38
CA TRP A 147 -18.11 -17.11 -14.78
C TRP A 147 -18.60 -18.46 -14.28
N GLU A 148 -19.85 -18.56 -13.83
CA GLU A 148 -20.40 -19.86 -13.46
C GLU A 148 -20.39 -20.79 -14.67
N THR A 149 -20.87 -20.30 -15.82
CA THR A 149 -20.91 -21.11 -17.03
C THR A 149 -19.50 -21.47 -17.51
N ALA A 150 -18.53 -20.58 -17.32
CA ALA A 150 -17.16 -20.79 -17.79
C ALA A 150 -16.30 -21.57 -16.80
N HIS A 151 -16.85 -21.93 -15.65
CA HIS A 151 -16.12 -22.60 -14.57
C HIS A 151 -14.84 -21.84 -14.21
N GLU A 152 -15.02 -20.54 -13.99
CA GLU A 152 -13.91 -19.67 -13.63
C GLU A 152 -13.46 -19.91 -12.20
N ALA A 153 -14.40 -20.24 -11.30
CA ALA A 153 -14.01 -20.53 -9.93
C ALA A 153 -13.05 -21.70 -9.85
N GLU A 154 -13.28 -22.75 -10.68
CA GLU A 154 -12.38 -23.89 -10.64
C GLU A 154 -10.97 -23.49 -11.03
N GLN A 155 -10.82 -22.66 -12.07
CA GLN A 155 -9.50 -22.18 -12.47
C GLN A 155 -8.82 -21.46 -11.31
N TRP A 156 -9.53 -20.54 -10.64
CA TRP A 156 -8.90 -19.80 -9.55
C TRP A 156 -8.60 -20.70 -8.35
N ARG A 157 -9.52 -21.59 -7.99
CA ARG A 157 -9.28 -22.46 -6.86
C ARG A 157 -8.03 -23.31 -7.09
N ALA A 158 -7.91 -23.89 -8.28
CA ALA A 158 -6.74 -24.72 -8.55
C ALA A 158 -5.45 -23.91 -8.47
N TYR A 159 -5.48 -22.63 -8.86
CA TYR A 159 -4.31 -21.77 -8.75
C TYR A 159 -4.03 -21.39 -7.30
N LEU A 160 -5.07 -20.92 -6.59
CA LEU A 160 -4.86 -20.37 -5.25
C LEU A 160 -4.41 -21.44 -4.27
N GLU A 161 -4.91 -22.68 -4.44
CA GLU A 161 -4.50 -23.80 -3.61
C GLU A 161 -3.25 -24.50 -4.13
N GLY A 162 -2.76 -24.14 -5.31
CA GLY A 162 -1.64 -24.82 -5.91
C GLY A 162 -0.42 -23.94 -6.13
N ARG A 163 -0.33 -23.35 -7.31
CA ARG A 163 0.85 -22.58 -7.65
C ARG A 163 1.02 -21.34 -6.77
N CYS A 164 -0.09 -20.72 -6.35
CA CYS A 164 0.01 -19.56 -5.47
C CYS A 164 0.77 -19.94 -4.20
N VAL A 165 0.34 -21.02 -3.54
CA VAL A 165 0.98 -21.44 -2.29
C VAL A 165 2.37 -22.01 -2.54
N GLU A 166 2.54 -22.79 -3.62
CA GLU A 166 3.86 -23.35 -3.88
C GLU A 166 4.88 -22.26 -4.18
N TRP A 167 4.50 -21.23 -4.95
CA TRP A 167 5.48 -20.22 -5.30
C TRP A 167 5.69 -19.23 -4.14
N LEU A 168 4.67 -19.04 -3.29
CA LEU A 168 4.89 -18.27 -2.06
C LEU A 168 5.91 -18.96 -1.16
N ARG A 169 5.74 -20.27 -0.94
CA ARG A 169 6.70 -21.00 -0.11
C ARG A 169 8.11 -20.87 -0.66
N ARG A 170 8.26 -20.92 -1.98
CA ARG A 170 9.56 -20.76 -2.61
C ARG A 170 10.15 -19.37 -2.37
N TYR A 171 9.32 -18.34 -2.46
CA TYR A 171 9.81 -16.98 -2.21
C TYR A 171 10.25 -16.81 -0.77
N LEU A 172 9.51 -17.40 0.17
CA LEU A 172 9.87 -17.29 1.58
C LEU A 172 11.19 -17.97 1.84
N GLU A 173 11.42 -19.11 1.19
CA GLU A 173 12.71 -19.78 1.29
C GLU A 173 13.82 -18.95 0.67
N ASN A 174 13.65 -18.51 -0.58
CA ASN A 174 14.70 -17.78 -1.27
C ASN A 174 14.98 -16.42 -0.65
N GLY A 175 14.00 -15.86 0.06
CA GLY A 175 14.20 -14.58 0.71
C GLY A 175 14.03 -14.67 2.21
N LYS A 176 14.46 -15.79 2.82
CA LYS A 176 14.47 -15.94 4.27
C LYS A 176 15.01 -14.68 4.94
N GLU A 177 16.15 -14.20 4.44
CA GLU A 177 16.89 -13.11 5.07
C GLU A 177 16.03 -11.86 5.22
N THR A 178 15.25 -11.55 4.18
CA THR A 178 14.34 -10.41 4.18
C THR A 178 12.96 -10.76 4.73
N LEU A 179 12.35 -11.83 4.21
CA LEU A 179 10.92 -12.03 4.40
C LEU A 179 10.57 -12.73 5.71
N GLN A 180 11.46 -13.56 6.25
CA GLN A 180 11.16 -14.24 7.51
C GLN A 180 11.81 -13.55 8.70
N ARG A 181 12.17 -12.28 8.54
CA ARG A 181 12.74 -11.47 9.61
C ARG A 181 11.63 -10.68 10.30
N THR A 182 11.87 -10.36 11.57
CA THR A 182 11.06 -9.36 12.26
C THR A 182 12.00 -8.30 12.82
N ASP A 183 11.71 -7.04 12.51
CA ASP A 183 12.48 -5.90 13.00
C ASP A 183 11.63 -5.22 14.06
N ALA A 184 12.08 -5.29 15.30
CA ALA A 184 11.33 -4.66 16.37
C ALA A 184 11.44 -3.14 16.24
N PRO A 185 10.38 -2.41 16.58
CA PRO A 185 10.44 -0.94 16.48
C PRO A 185 11.47 -0.35 17.43
N LYS A 186 12.20 0.64 16.93
CA LYS A 186 13.01 1.52 17.77
C LYS A 186 12.10 2.65 18.22
N THR A 187 11.93 2.82 19.52
CA THR A 187 10.92 3.73 20.01
C THR A 187 11.54 4.91 20.73
N HIS A 188 10.85 6.04 20.68
CA HIS A 188 11.25 7.20 21.48
C HIS A 188 10.06 8.12 21.60
N MET A 189 10.21 9.11 22.47
CA MET A 189 9.15 10.07 22.71
C MET A 189 9.69 11.48 22.52
N THR A 190 8.87 12.36 21.97
CA THR A 190 9.18 13.78 21.93
C THR A 190 8.17 14.55 22.76
N HIS A 191 8.55 15.77 23.13
CA HIS A 191 7.77 16.57 24.08
C HIS A 191 7.90 18.03 23.67
N HIS A 192 6.79 18.65 23.30
CA HIS A 192 6.82 20.04 22.85
C HIS A 192 5.69 20.83 23.49
N ALA A 193 6.04 21.96 24.12
CA ALA A 193 5.01 22.77 24.76
C ALA A 193 4.07 23.34 23.70
N VAL A 194 2.78 23.23 23.97
CA VAL A 194 1.79 23.96 23.19
C VAL A 194 1.56 25.35 23.78
N SER A 195 1.67 25.48 25.09
CA SER A 195 1.49 26.74 25.77
C SER A 195 2.02 26.54 27.18
N ASP A 196 1.71 27.47 28.08
CA ASP A 196 1.97 27.21 29.48
C ASP A 196 1.05 26.12 30.00
N HIS A 197 -0.14 25.98 29.42
CA HIS A 197 -1.13 25.06 29.98
C HIS A 197 -1.01 23.63 29.44
N GLU A 198 -0.45 23.46 28.25
CA GLU A 198 -0.53 22.18 27.57
C GLU A 198 0.77 21.86 26.83
N ALA A 199 0.96 20.58 26.56
CA ALA A 199 2.14 20.15 25.84
C ALA A 199 1.73 18.94 25.02
N THR A 200 2.44 18.71 23.92
CA THR A 200 2.22 17.53 23.08
C THR A 200 3.23 16.45 23.45
N LEU A 201 2.75 15.23 23.66
CA LEU A 201 3.62 14.06 23.77
C LEU A 201 3.44 13.23 22.52
N ARG A 202 4.54 12.88 21.85
CA ARG A 202 4.47 12.11 20.62
C ARG A 202 5.30 10.83 20.78
N CYS A 203 4.66 9.68 20.58
CA CYS A 203 5.29 8.38 20.78
C CYS A 203 5.61 7.80 19.40
N TRP A 204 6.88 7.45 19.20
CA TRP A 204 7.42 7.09 17.90
C TRP A 204 7.79 5.61 17.84
N ALA A 205 7.46 4.97 16.73
CA ALA A 205 7.95 3.64 16.39
C ALA A 205 8.65 3.75 15.04
N LEU A 206 9.92 3.35 14.98
CA LEU A 206 10.68 3.48 13.75
C LEU A 206 11.31 2.14 13.39
N SER A 207 11.56 1.98 12.08
CA SER A 207 12.43 0.92 11.58
C SER A 207 11.88 -0.48 11.85
N PHE A 208 10.55 -0.65 11.81
CA PHE A 208 9.99 -1.95 12.13
C PHE A 208 9.46 -2.68 10.89
N TYR A 209 9.43 -4.01 11.00
CA TYR A 209 8.94 -4.92 9.95
C TYR A 209 8.44 -6.18 10.65
N PRO A 210 7.25 -6.70 10.29
CA PRO A 210 6.27 -6.22 9.30
C PRO A 210 5.54 -4.94 9.70
N ALA A 211 4.65 -4.46 8.83
CA ALA A 211 4.04 -3.14 9.05
C ALA A 211 3.06 -3.12 10.20
N GLU A 212 2.45 -4.27 10.53
CA GLU A 212 1.43 -4.35 11.57
C GLU A 212 1.97 -3.93 12.93
N ILE A 213 1.28 -2.98 13.57
CA ILE A 213 1.74 -2.44 14.86
C ILE A 213 0.55 -1.77 15.52
N THR A 214 0.57 -1.72 16.86
CA THR A 214 -0.43 -0.99 17.63
C THR A 214 0.27 0.00 18.54
N LEU A 215 -0.11 1.29 18.42
CA LEU A 215 0.28 2.36 19.33
C LEU A 215 -0.96 2.85 20.05
N THR A 216 -0.90 2.88 21.39
CA THR A 216 -2.03 3.35 22.18
C THR A 216 -1.52 4.22 23.32
N TRP A 217 -2.31 5.23 23.68
CA TRP A 217 -2.01 6.09 24.83
C TRP A 217 -2.95 5.76 25.97
N GLN A 218 -2.42 5.69 27.18
CA GLN A 218 -3.24 5.61 28.39
C GLN A 218 -2.93 6.79 29.30
N ARG A 219 -3.93 7.16 30.10
CA ARG A 219 -3.75 8.13 31.18
C ARG A 219 -4.18 7.46 32.47
N ASP A 220 -3.24 7.34 33.41
CA ASP A 220 -3.46 6.58 34.65
C ASP A 220 -4.12 5.22 34.34
N GLY A 221 -3.57 4.53 33.34
CA GLY A 221 -4.09 3.22 32.96
C GLY A 221 -5.37 3.20 32.15
N GLU A 222 -6.03 4.33 31.94
CA GLU A 222 -7.28 4.38 31.19
C GLU A 222 -6.98 4.62 29.72
N ASP A 223 -7.62 3.83 28.85
CA ASP A 223 -7.48 4.06 27.42
C ASP A 223 -7.86 5.50 27.10
N GLN A 224 -7.10 6.12 26.20
CA GLN A 224 -7.18 7.56 25.98
C GLN A 224 -7.12 7.80 24.48
N THR A 225 -8.27 8.11 23.88
CA THR A 225 -8.34 8.59 22.52
C THR A 225 -8.77 10.04 22.44
N GLN A 226 -9.18 10.62 23.56
CA GLN A 226 -9.44 12.04 23.65
C GLN A 226 -8.12 12.79 23.54
N ASP A 227 -8.04 13.75 22.62
CA ASP A 227 -6.88 14.59 22.34
C ASP A 227 -5.74 13.84 21.65
N THR A 228 -5.98 12.64 21.13
CA THR A 228 -4.92 11.83 20.54
C THR A 228 -4.96 11.89 19.01
N GLU A 229 -3.78 11.73 18.41
CA GLU A 229 -3.65 11.71 16.97
C GLU A 229 -2.79 10.52 16.57
N LEU A 230 -3.30 9.72 15.64
CA LEU A 230 -2.62 8.51 15.21
C LEU A 230 -2.43 8.58 13.70
N VAL A 231 -1.18 8.58 13.23
CA VAL A 231 -0.96 8.69 11.81
C VAL A 231 -0.98 7.29 11.23
N GLU A 232 -1.29 7.22 9.95
CA GLU A 232 -1.24 5.95 9.24
C GLU A 232 0.19 5.43 9.22
N THR A 233 0.34 4.11 9.32
CA THR A 233 1.66 3.50 9.18
C THR A 233 2.21 3.82 7.80
N ARG A 234 3.49 4.20 7.75
CA ARG A 234 4.10 4.71 6.52
C ARG A 234 5.44 4.05 6.26
N PRO A 235 5.79 3.87 4.98
CA PRO A 235 7.09 3.24 4.64
C PRO A 235 8.25 4.19 4.89
N ALA A 236 9.32 3.67 5.47
CA ALA A 236 10.53 4.48 5.61
C ALA A 236 11.27 4.63 4.29
N GLY A 237 11.06 3.71 3.35
CA GLY A 237 11.76 3.69 2.08
C GLY A 237 12.81 2.61 1.96
N ASP A 238 13.23 2.02 3.09
CA ASP A 238 14.28 1.01 3.13
C ASP A 238 13.73 -0.37 3.46
N GLY A 239 12.43 -0.56 3.31
CA GLY A 239 11.81 -1.82 3.66
C GLY A 239 11.31 -1.92 5.08
N THR A 240 11.43 -0.87 5.88
CA THR A 240 10.84 -0.80 7.21
C THR A 240 9.70 0.22 7.21
N PHE A 241 8.99 0.28 8.33
CA PHE A 241 7.84 1.17 8.46
C PHE A 241 7.98 2.05 9.70
N GLN A 242 7.11 3.06 9.76
CA GLN A 242 7.11 4.08 10.80
C GLN A 242 5.69 4.38 11.23
N LYS A 243 5.52 4.75 12.51
CA LYS A 243 4.24 5.22 13.02
C LYS A 243 4.46 6.09 14.24
N TRP A 244 3.55 7.05 14.45
CA TRP A 244 3.53 7.76 15.71
C TRP A 244 2.11 8.03 16.17
N ALA A 245 1.99 8.25 17.47
CA ALA A 245 0.75 8.63 18.14
C ALA A 245 1.06 9.75 19.11
N SER A 246 0.23 10.78 19.09
CA SER A 246 0.42 11.93 19.96
C SER A 246 -0.81 12.15 20.83
N VAL A 247 -0.59 12.84 21.95
CA VAL A 247 -1.65 13.28 22.84
C VAL A 247 -1.25 14.64 23.39
N VAL A 248 -2.22 15.50 23.58
CA VAL A 248 -2.00 16.81 24.19
C VAL A 248 -2.42 16.70 25.65
N VAL A 249 -1.51 17.04 26.56
CA VAL A 249 -1.69 16.81 27.99
C VAL A 249 -1.51 18.12 28.73
N PRO A 250 -2.07 18.23 29.94
CA PRO A 250 -1.80 19.44 30.74
C PRO A 250 -0.35 19.49 31.19
N SER A 251 0.25 20.68 31.11
CA SER A 251 1.66 20.80 31.51
C SER A 251 1.84 20.35 32.95
N GLY A 252 2.89 19.58 33.19
CA GLY A 252 3.17 19.04 34.51
C GLY A 252 2.52 17.72 34.82
N GLN A 253 1.59 17.26 33.97
CA GLN A 253 0.93 15.97 34.16
C GLN A 253 1.46 14.89 33.23
N GLU A 254 2.59 15.14 32.57
CA GLU A 254 3.10 14.17 31.59
C GLU A 254 3.28 12.78 32.21
N GLN A 255 3.60 12.70 33.50
CA GLN A 255 3.87 11.43 34.18
C GLN A 255 2.67 10.48 34.15
N ARG A 256 1.46 11.01 34.00
CA ARG A 256 0.27 10.17 34.01
C ARG A 256 0.11 9.34 32.74
N TYR A 257 0.84 9.68 31.68
CA TYR A 257 0.55 9.18 30.34
C TYR A 257 1.56 8.11 29.95
N THR A 258 1.06 7.00 29.43
CA THR A 258 1.90 5.93 28.94
C THR A 258 1.56 5.61 27.50
N CYS A 259 2.59 5.41 26.69
CA CYS A 259 2.39 4.94 25.33
C CYS A 259 2.72 3.46 25.30
N HIS A 260 1.84 2.69 24.67
CA HIS A 260 1.93 1.23 24.65
C HIS A 260 2.17 0.79 23.22
N VAL A 261 3.26 0.04 23.01
CA VAL A 261 3.68 -0.38 21.68
C VAL A 261 3.60 -1.90 21.62
N GLN A 262 2.85 -2.40 20.64
CA GLN A 262 2.72 -3.84 20.41
C GLN A 262 3.18 -4.14 18.99
N HIS A 263 4.07 -5.12 18.85
CA HIS A 263 4.62 -5.49 17.55
C HIS A 263 5.11 -6.92 17.63
N GLU A 264 5.05 -7.62 16.50
CA GLU A 264 5.43 -9.03 16.46
C GLU A 264 6.88 -9.23 16.91
N GLY A 265 7.76 -8.27 16.63
CA GLY A 265 9.13 -8.40 17.03
C GLY A 265 9.43 -8.05 18.48
N LEU A 266 8.40 -7.73 19.26
CA LEU A 266 8.58 -7.41 20.68
C LEU A 266 8.10 -8.59 21.50
N PRO A 267 9.00 -9.28 22.20
CA PRO A 267 8.54 -10.40 23.04
C PRO A 267 7.54 -9.98 24.10
N LYS A 268 7.66 -8.75 24.59
CA LYS A 268 6.72 -8.14 25.50
C LYS A 268 6.42 -6.72 25.02
N PRO A 269 5.16 -6.29 25.10
CA PRO A 269 4.84 -4.91 24.70
C PRO A 269 5.64 -3.90 25.51
N LEU A 270 5.98 -2.79 24.85
CA LEU A 270 6.72 -1.72 25.49
C LEU A 270 5.76 -0.69 26.07
N THR A 271 6.15 -0.11 27.19
CA THR A 271 5.48 1.04 27.77
C THR A 271 6.49 2.18 27.87
N LEU A 272 6.13 3.34 27.30
CA LEU A 272 7.01 4.51 27.30
C LEU A 272 6.33 5.61 28.10
N ARG A 273 7.11 6.30 28.93
CA ARG A 273 6.63 7.37 29.79
C ARG A 273 7.64 8.51 29.72
N TRP A 274 7.14 9.74 29.63
CA TRP A 274 8.00 10.91 29.67
C TRP A 274 8.32 11.35 31.10
N ILE B 1 -17.98 8.14 -5.00
CA ILE B 1 -17.42 9.47 -4.91
C ILE B 1 -15.90 9.41 -5.03
N GLN B 2 -15.25 10.55 -4.84
CA GLN B 2 -13.80 10.62 -4.89
C GLN B 2 -13.26 10.78 -3.48
N ARG B 3 -12.03 10.34 -3.26
CA ARG B 3 -11.42 10.34 -1.94
C ARG B 3 -10.13 11.15 -1.97
N THR B 4 -10.05 12.15 -1.07
CA THR B 4 -8.90 13.04 -1.07
C THR B 4 -7.70 12.38 -0.40
N PRO B 5 -6.49 12.66 -0.90
CA PRO B 5 -5.30 12.04 -0.32
C PRO B 5 -5.02 12.49 1.11
N LYS B 6 -4.62 11.52 1.93
CA LYS B 6 -3.89 11.81 3.15
C LYS B 6 -2.43 12.01 2.78
N ILE B 7 -1.78 12.99 3.41
CA ILE B 7 -0.42 13.38 3.05
C ILE B 7 0.46 13.37 4.29
N GLN B 8 1.61 12.72 4.19
CA GLN B 8 2.64 12.77 5.22
C GLN B 8 3.98 13.03 4.55
N VAL B 9 4.66 14.07 5.00
CA VAL B 9 6.02 14.42 4.58
C VAL B 9 6.95 14.17 5.74
N TYR B 10 8.04 13.44 5.49
CA TYR B 10 8.87 13.01 6.60
C TYR B 10 10.21 12.51 6.08
N SER B 11 11.15 12.34 7.00
CA SER B 11 12.46 11.83 6.68
C SER B 11 12.57 10.35 7.06
N ARG B 12 13.45 9.64 6.37
CA ARG B 12 13.62 8.22 6.64
C ARG B 12 14.15 7.98 8.05
N HIS B 13 15.04 8.85 8.51
CA HIS B 13 15.61 8.84 9.85
C HIS B 13 15.41 10.22 10.45
N PRO B 14 15.36 10.32 11.78
CA PRO B 14 15.30 11.65 12.41
C PRO B 14 16.43 12.54 11.88
N ALA B 15 16.05 13.75 11.49
CA ALA B 15 16.96 14.61 10.75
C ALA B 15 18.14 15.06 11.61
N GLU B 16 19.33 14.98 11.03
CA GLU B 16 20.54 15.56 11.62
C GLU B 16 21.18 16.43 10.54
N ASN B 17 21.36 17.71 10.84
CA ASN B 17 21.93 18.63 9.86
C ASN B 17 23.29 18.12 9.40
N GLY B 18 23.50 18.15 8.08
CA GLY B 18 24.76 17.69 7.50
C GLY B 18 24.88 16.21 7.26
N LYS B 19 23.91 15.39 7.66
CA LYS B 19 23.97 13.95 7.49
C LYS B 19 22.96 13.52 6.44
N SER B 20 23.41 12.66 5.51
CA SER B 20 22.57 12.23 4.41
C SER B 20 21.34 11.48 4.92
N ASN B 21 20.22 11.70 4.23
CA ASN B 21 18.93 11.20 4.65
C ASN B 21 18.08 11.00 3.41
N PHE B 22 16.83 10.63 3.62
CA PHE B 22 15.85 10.57 2.54
C PHE B 22 14.61 11.36 2.93
N LEU B 23 14.13 12.16 1.99
CA LEU B 23 12.90 12.91 2.16
C LEU B 23 11.76 12.16 1.47
N ASN B 24 10.71 11.88 2.24
CA ASN B 24 9.57 11.08 1.81
C ASN B 24 8.32 11.92 1.78
N CYS B 25 7.50 11.71 0.75
CA CYS B 25 6.11 12.16 0.77
C CYS B 25 5.23 10.96 0.47
N TYR B 26 4.42 10.57 1.44
CA TYR B 26 3.56 9.40 1.34
C TYR B 26 2.13 9.88 1.21
N VAL B 27 1.49 9.58 0.08
CA VAL B 27 0.10 9.92 -0.16
C VAL B 27 -0.72 8.64 -0.15
N SER B 28 -1.81 8.65 0.61
CA SER B 28 -2.61 7.43 0.78
C SER B 28 -4.09 7.78 0.84
N GLY B 29 -4.91 6.76 0.70
CA GLY B 29 -6.32 6.93 0.90
C GLY B 29 -7.06 7.66 -0.20
N PHE B 30 -6.46 7.80 -1.38
CA PHE B 30 -7.09 8.58 -2.43
C PHE B 30 -7.70 7.71 -3.53
N HIS B 31 -8.64 8.33 -4.25
CA HIS B 31 -9.32 7.76 -5.41
C HIS B 31 -9.93 8.90 -6.20
N PRO B 32 -9.77 8.96 -7.53
CA PRO B 32 -9.07 8.00 -8.41
C PRO B 32 -7.54 8.10 -8.29
N SER B 33 -6.82 7.28 -9.05
CA SER B 33 -5.39 7.12 -8.85
C SER B 33 -4.55 8.22 -9.50
N ASP B 34 -5.09 8.94 -10.48
CA ASP B 34 -4.36 10.03 -11.09
C ASP B 34 -3.96 11.04 -10.03
N ILE B 35 -2.66 11.31 -9.90
CA ILE B 35 -2.18 12.23 -8.88
C ILE B 35 -0.81 12.74 -9.31
N GLU B 36 -0.46 13.95 -8.87
CA GLU B 36 0.88 14.49 -9.04
C GLU B 36 1.42 14.85 -7.66
N VAL B 37 2.66 14.44 -7.40
CA VAL B 37 3.31 14.70 -6.12
C VAL B 37 4.69 15.24 -6.39
N ASP B 38 4.99 16.42 -5.85
CA ASP B 38 6.29 17.04 -6.07
C ASP B 38 6.93 17.37 -4.73
N LEU B 39 8.24 17.20 -4.65
CA LEU B 39 8.99 17.59 -3.48
C LEU B 39 9.61 18.95 -3.75
N LEU B 40 9.52 19.84 -2.76
CA LEU B 40 9.99 21.23 -2.90
C LEU B 40 11.06 21.51 -1.87
N LYS B 41 12.10 22.21 -2.31
CA LYS B 41 13.15 22.74 -1.45
C LYS B 41 13.10 24.26 -1.56
N ASN B 42 12.72 24.93 -0.48
CA ASN B 42 12.57 26.38 -0.46
C ASN B 42 11.64 26.86 -1.57
N GLY B 43 10.51 26.17 -1.74
CA GLY B 43 9.53 26.50 -2.74
C GLY B 43 9.78 25.96 -4.13
N GLU B 44 10.98 25.43 -4.42
CA GLU B 44 11.37 25.06 -5.76
C GLU B 44 11.34 23.54 -5.93
N ARG B 45 10.74 23.08 -7.02
CA ARG B 45 10.56 21.65 -7.25
C ARG B 45 11.90 20.95 -7.39
N ILE B 46 12.07 19.87 -6.63
CA ILE B 46 13.27 19.04 -6.71
C ILE B 46 13.20 18.18 -7.96
N GLU B 47 14.30 18.14 -8.70
CA GLU B 47 14.32 17.62 -10.05
C GLU B 47 14.15 16.11 -10.07
N LYS B 48 15.03 15.37 -9.38
CA LYS B 48 15.04 13.91 -9.45
C LYS B 48 14.31 13.40 -8.21
N VAL B 49 13.06 13.01 -8.39
CA VAL B 49 12.26 12.40 -7.35
C VAL B 49 11.72 11.09 -7.89
N GLU B 50 11.89 10.02 -7.13
CA GLU B 50 11.37 8.72 -7.51
C GLU B 50 10.08 8.41 -6.76
N HIS B 51 9.34 7.42 -7.28
CA HIS B 51 8.13 7.01 -6.61
C HIS B 51 7.93 5.51 -6.75
N SER B 52 7.12 4.98 -5.85
CA SER B 52 6.79 3.58 -5.79
C SER B 52 5.75 3.24 -6.86
N ASP B 53 5.62 1.96 -7.14
CA ASP B 53 4.61 1.50 -8.08
C ASP B 53 3.22 1.59 -7.44
N LEU B 54 2.25 2.05 -8.23
CA LEU B 54 0.87 2.20 -7.77
C LEU B 54 0.34 0.89 -7.16
N SER B 55 -0.18 1.00 -5.95
CA SER B 55 -0.83 -0.09 -5.26
C SER B 55 -2.00 0.49 -4.46
N PHE B 56 -2.74 -0.38 -3.77
CA PHE B 56 -3.92 0.09 -3.06
C PHE B 56 -4.18 -0.81 -1.86
N SER B 57 -4.98 -0.27 -0.94
CA SER B 57 -5.30 -0.85 0.35
C SER B 57 -6.58 -1.64 0.27
N LYS B 58 -6.96 -2.26 1.39
CA LYS B 58 -8.12 -3.15 1.42
C LYS B 58 -9.40 -2.42 1.01
N ASP B 59 -9.51 -1.12 1.31
CA ASP B 59 -10.72 -0.38 0.95
C ASP B 59 -10.67 0.16 -0.48
N TRP B 60 -9.68 -0.26 -1.27
CA TRP B 60 -9.46 0.08 -2.68
C TRP B 60 -8.82 1.46 -2.90
N SER B 61 -8.57 2.24 -1.84
CA SER B 61 -7.90 3.51 -2.01
C SER B 61 -6.42 3.31 -2.30
N PHE B 62 -5.86 4.19 -3.12
CA PHE B 62 -4.48 4.08 -3.58
C PHE B 62 -3.48 4.70 -2.61
N TYR B 63 -2.24 4.21 -2.66
CA TYR B 63 -1.14 4.85 -1.95
C TYR B 63 0.12 4.84 -2.81
N LEU B 64 0.93 5.89 -2.65
CA LEU B 64 2.22 6.03 -3.30
C LEU B 64 3.22 6.68 -2.35
N LEU B 65 4.49 6.31 -2.51
CA LEU B 65 5.60 6.95 -1.84
C LEU B 65 6.46 7.67 -2.86
N TYR B 66 6.67 8.98 -2.66
CA TYR B 66 7.65 9.74 -3.43
C TYR B 66 8.85 10.02 -2.54
N TYR B 67 10.05 9.99 -3.12
CA TYR B 67 11.20 10.11 -2.25
C TYR B 67 12.40 10.62 -3.03
N THR B 68 13.32 11.23 -2.28
CA THR B 68 14.58 11.68 -2.83
C THR B 68 15.61 11.68 -1.70
N GLU B 69 16.86 11.45 -2.08
CA GLU B 69 17.96 11.60 -1.15
C GLU B 69 18.21 13.09 -0.88
N PHE B 70 18.54 13.42 0.37
CA PHE B 70 18.85 14.82 0.69
C PHE B 70 19.68 14.89 1.95
N THR B 71 20.31 16.04 2.14
CA THR B 71 21.10 16.29 3.33
C THR B 71 20.52 17.50 4.04
N PRO B 72 19.86 17.32 5.19
CA PRO B 72 19.22 18.45 5.85
C PRO B 72 20.24 19.46 6.31
N THR B 73 19.86 20.73 6.24
CA THR B 73 20.60 21.82 6.86
C THR B 73 19.64 22.62 7.71
N GLU B 74 20.18 23.57 8.48
CA GLU B 74 19.32 24.38 9.33
C GLU B 74 18.45 25.34 8.53
N LYS B 75 18.95 25.80 7.37
CA LYS B 75 18.26 26.87 6.65
C LYS B 75 17.20 26.34 5.68
N ASP B 76 17.38 25.13 5.11
CA ASP B 76 16.51 24.70 4.03
C ASP B 76 15.15 24.24 4.56
N GLU B 77 14.09 24.70 3.90
CA GLU B 77 12.72 24.28 4.16
C GLU B 77 12.30 23.31 3.07
N TYR B 78 11.63 22.23 3.44
CA TYR B 78 11.16 21.26 2.47
C TYR B 78 9.65 21.12 2.60
N ALA B 79 9.02 20.71 1.50
CA ALA B 79 7.58 20.57 1.47
C ALA B 79 7.21 19.57 0.39
N CYS B 80 5.98 19.09 0.46
CA CYS B 80 5.43 18.21 -0.56
C CYS B 80 4.16 18.87 -1.10
N ARG B 81 4.08 18.97 -2.43
CA ARG B 81 2.94 19.57 -3.11
C ARG B 81 2.14 18.48 -3.81
N VAL B 82 0.87 18.33 -3.44
CA VAL B 82 0.04 17.23 -3.89
C VAL B 82 -1.10 17.80 -4.75
N ASN B 83 -1.14 17.38 -6.00
CA ASN B 83 -2.14 17.82 -6.99
C ASN B 83 -3.07 16.65 -7.26
N HIS B 84 -4.34 16.77 -6.87
CA HIS B 84 -5.35 15.73 -7.06
C HIS B 84 -6.68 16.39 -7.43
N VAL B 85 -7.52 15.63 -8.13
CA VAL B 85 -8.81 16.14 -8.63
C VAL B 85 -9.71 16.60 -7.48
N THR B 86 -9.54 16.02 -6.28
CA THR B 86 -10.32 16.43 -5.12
C THR B 86 -9.89 17.79 -4.55
N LEU B 87 -8.80 18.37 -5.03
CA LEU B 87 -8.22 19.55 -4.42
C LEU B 87 -8.31 20.72 -5.39
N SER B 88 -9.03 21.77 -4.99
CA SER B 88 -9.20 22.97 -5.82
C SER B 88 -7.87 23.65 -6.11
N GLN B 89 -6.95 23.60 -5.16
CA GLN B 89 -5.58 23.99 -5.40
C GLN B 89 -4.68 22.93 -4.78
N PRO B 90 -3.47 22.75 -5.30
CA PRO B 90 -2.58 21.74 -4.72
C PRO B 90 -2.35 21.99 -3.24
N LYS B 91 -2.30 20.91 -2.48
CA LYS B 91 -2.08 20.98 -1.05
C LYS B 91 -0.58 20.90 -0.79
N ILE B 92 -0.04 21.89 -0.09
CA ILE B 92 1.38 21.96 0.19
C ILE B 92 1.57 21.73 1.68
N VAL B 93 2.24 20.63 2.02
CA VAL B 93 2.50 20.22 3.40
C VAL B 93 3.98 20.43 3.67
N LYS B 94 4.30 21.22 4.71
CA LYS B 94 5.69 21.47 5.04
C LYS B 94 6.28 20.32 5.86
N TRP B 95 7.56 20.07 5.63
CA TRP B 95 8.30 19.08 6.42
C TRP B 95 8.54 19.63 7.83
N ASP B 96 8.09 18.87 8.83
CA ASP B 96 8.33 19.12 10.24
C ASP B 96 9.21 17.97 10.72
N ARG B 97 10.37 18.27 11.29
CA ARG B 97 11.26 17.15 11.59
C ARG B 97 10.76 16.27 12.74
N ASP B 98 9.68 16.66 13.43
CA ASP B 98 9.10 15.78 14.44
C ASP B 98 7.68 15.34 14.06
N MET B 99 7.41 15.22 12.76
CA MET B 99 6.15 14.64 12.32
C MET B 99 6.41 13.65 11.19
N ASP C 1 4.25 -16.02 -8.58
CA ASP C 1 3.81 -16.55 -9.87
C ASP C 1 2.36 -16.13 -10.12
N VAL C 2 2.10 -15.38 -11.19
CA VAL C 2 0.76 -14.84 -11.40
C VAL C 2 -0.19 -15.94 -11.84
N MET C 3 -1.48 -15.64 -11.77
CA MET C 3 -2.57 -16.48 -12.26
C MET C 3 -2.45 -16.69 -13.77
N THR C 4 -3.05 -17.78 -14.26
CA THR C 4 -3.13 -18.02 -15.70
C THR C 4 -4.28 -17.24 -16.32
N TYR C 5 -4.73 -17.62 -17.52
CA TYR C 5 -5.75 -16.85 -18.22
C TYR C 5 -6.98 -16.60 -17.34
N ILE C 6 -7.46 -15.35 -17.33
CA ILE C 6 -8.60 -14.92 -16.53
C ILE C 6 -9.77 -14.65 -17.47
N HIS C 7 -10.96 -15.15 -17.11
CA HIS C 7 -12.12 -14.96 -17.97
C HIS C 7 -12.61 -13.52 -17.91
N SER C 8 -13.03 -13.01 -19.07
CA SER C 8 -13.56 -11.64 -19.15
C SER C 8 -14.79 -11.47 -18.26
N MET C 9 -15.06 -10.23 -17.89
CA MET C 9 -16.24 -9.91 -17.10
C MET C 9 -17.48 -9.80 -18.00
#